data_8YEK
#
_entry.id   8YEK
#
_cell.length_a   1.00
_cell.length_b   1.00
_cell.length_c   1.00
_cell.angle_alpha   90.00
_cell.angle_beta   90.00
_cell.angle_gamma   90.00
#
_symmetry.space_group_name_H-M   'P 1'
#
loop_
_entity.id
_entity.type
_entity.pdbx_description
1 polymer GtCCR2
2 non-polymer RETINAL
3 non-polymer 1,2-DIACYL-SN-GLYCERO-3-PHOSPHOCHOLINE
4 water water
#
_entity_poly.entity_id   1
_entity_poly.type   'polypeptide(L)'
_entity_poly.pdbx_seq_one_letter_code
;MKTIIALSYIFCLVFADYKDDDDAMGVASSAVITANWISFLAISASFIILLVISLRYKGPGGTESFYNGFKEQNMLTVFI
NLWCALAYFAKVLQSHSNDNGFAPLTVIPYVDYCTTCPLLTLDLLWCLDAPYKISSAVLVFTCLVIAVACSLAVAPFSYC
WFAMGMVLFTFTYVFILSIVRQRLDFFTLCARDSNAKQSLKHLKTAVFIYFGIWLLFPLLWLLSYRAANVISNDINHIFH
CILDVIAKSVYGFALLYFKMYFDKKLIESGIDEDDFAKFSKVVTTHRSEEKQKRKPAVSQSPKMYYDEAAYQDGEVESNL
QSKIRKSLSRKDKTPGSPSRSPMTPRTAYSTRKSPGMHLNDHPAWGSLQASAHSWENEREGPVGDHDDEEFSEFCQSLPK
KAIPPLNSQPHMYNSEDEDDGAYLERAKMAYQKAKERHDNANGQRERRDRSGSRESDFENLYFQ
;
_entity_poly.pdbx_strand_id   A
#
loop_
_chem_comp.id
_chem_comp.type
_chem_comp.name
_chem_comp.formula
PC1 non-polymer 1,2-DIACYL-SN-GLYCERO-3-PHOSPHOCHOLINE 'C44 H88 N O8 P'
RET non-polymer RETINAL 'C20 H28 O'
#
# COMPACT_ATOMS: atom_id res chain seq x y z
N ALA A 28 -0.59 26.62 -1.07
CA ALA A 28 -1.58 25.68 -1.65
C ALA A 28 -3.00 26.13 -1.31
N SER A 29 -3.99 25.52 -1.96
CA SER A 29 -5.41 25.83 -1.75
C SER A 29 -5.87 25.31 -0.39
N SER A 30 -6.97 25.84 0.09
CA SER A 30 -7.57 25.42 1.38
C SER A 30 -7.91 23.92 1.33
N ALA A 31 -8.50 23.47 0.24
CA ALA A 31 -8.88 22.04 0.10
C ALA A 31 -7.63 21.16 0.17
N VAL A 32 -6.57 21.57 -0.51
CA VAL A 32 -5.33 20.74 -0.57
C VAL A 32 -4.75 20.62 0.84
N ILE A 33 -4.64 21.73 1.54
CA ILE A 33 -4.02 21.72 2.91
C ILE A 33 -4.93 20.93 3.85
N THR A 34 -6.23 21.09 3.73
CA THR A 34 -7.18 20.35 4.61
C THR A 34 -7.03 18.85 4.36
N ALA A 35 -6.98 18.44 3.10
CA ALA A 35 -6.84 17.00 2.75
C ALA A 35 -5.49 16.49 3.28
N ASN A 36 -4.44 17.27 3.11
CA ASN A 36 -3.09 16.85 3.60
C ASN A 36 -3.12 16.66 5.11
N TRP A 37 -3.70 17.60 5.83
CA TRP A 37 -3.78 17.50 7.30
C TRP A 37 -4.60 16.28 7.72
N ILE A 38 -5.75 16.07 7.08
CA ILE A 38 -6.63 14.93 7.45
C ILE A 38 -5.89 13.63 7.18
N SER A 39 -5.25 13.51 6.02
CA SER A 39 -4.51 12.27 5.66
C SER A 39 -3.37 12.04 6.66
N PHE A 40 -2.62 13.08 6.97
CA PHE A 40 -1.49 12.94 7.91
C PHE A 40 -2.00 12.47 9.27
N LEU A 41 -3.05 13.08 9.77
CA LEU A 41 -3.60 12.70 11.10
C LEU A 41 -4.11 11.26 11.04
N ALA A 42 -4.81 10.88 9.99
CA ALA A 42 -5.38 9.51 9.88
C ALA A 42 -4.24 8.48 9.86
N ILE A 43 -3.20 8.73 9.08
CA ILE A 43 -2.09 7.76 8.95
C ILE A 43 -1.31 7.73 10.27
N SER A 44 -1.12 8.86 10.93
CA SER A 44 -0.41 8.89 12.23
C SER A 44 -1.19 8.07 13.26
N ALA A 45 -2.50 8.27 13.34
CA ALA A 45 -3.35 7.54 14.31
C ALA A 45 -3.29 6.04 13.98
N SER A 46 -3.36 5.70 12.71
CA SER A 46 -3.32 4.28 12.26
C SER A 46 -1.96 3.67 12.64
N PHE A 47 -0.84 4.36 12.41
CA PHE A 47 0.51 3.89 12.78
C PHE A 47 0.60 3.66 14.29
N ILE A 48 0.12 4.61 15.08
CA ILE A 48 0.24 4.52 16.57
C ILE A 48 -0.65 3.37 17.08
N ILE A 49 -1.84 3.16 16.52
CA ILE A 49 -2.72 2.04 16.97
C ILE A 49 -2.10 0.71 16.54
N LEU A 50 -1.62 0.63 15.31
CA LEU A 50 -1.02 -0.65 14.81
C LEU A 50 0.23 -0.99 15.63
N LEU A 51 1.06 0.00 15.93
CA LEU A 51 2.29 -0.25 16.72
C LEU A 51 1.90 -0.73 18.13
N VAL A 52 0.90 -0.10 18.73
CA VAL A 52 0.47 -0.50 20.11
C VAL A 52 -0.05 -1.94 20.06
N ILE A 53 -0.86 -2.26 19.06
CA ILE A 53 -1.45 -3.62 18.96
C ILE A 53 -0.33 -4.64 18.76
N SER A 54 0.61 -4.33 17.88
CA SER A 54 1.74 -5.26 17.58
C SER A 54 2.57 -5.48 18.85
N LEU A 55 2.89 -4.41 19.57
CA LEU A 55 3.72 -4.53 20.79
C LEU A 55 2.97 -5.32 21.86
N ARG A 56 1.66 -5.11 21.99
CA ARG A 56 0.87 -5.80 23.03
C ARG A 56 0.46 -7.21 22.59
N TYR A 57 0.62 -7.55 21.32
CA TYR A 57 0.20 -8.89 20.82
C TYR A 57 1.12 -9.96 21.42
N LYS A 58 0.52 -11.02 21.95
CA LYS A 58 1.26 -12.10 22.64
C LYS A 58 1.18 -13.42 21.87
N GLY A 59 0.80 -13.38 20.60
CA GLY A 59 0.74 -14.59 19.78
C GLY A 59 -0.58 -15.32 19.94
N PRO A 60 -0.83 -16.35 19.11
CA PRO A 60 -2.08 -17.09 19.22
C PRO A 60 -2.30 -17.74 20.59
N GLY A 61 -1.22 -18.20 21.22
CA GLY A 61 -1.24 -18.84 22.54
C GLY A 61 -1.36 -17.85 23.69
N GLY A 62 -1.07 -16.57 23.44
CA GLY A 62 -1.09 -15.55 24.50
C GLY A 62 -0.05 -15.82 25.59
N THR A 63 1.14 -16.24 25.20
CA THR A 63 2.24 -16.53 26.18
C THR A 63 3.57 -15.92 25.77
N GLU A 64 3.74 -15.50 24.52
CA GLU A 64 5.02 -14.93 24.05
C GLU A 64 5.00 -13.41 24.27
N SER A 65 5.91 -12.91 25.08
CA SER A 65 5.98 -11.47 25.41
C SER A 65 6.41 -10.66 24.17
N PHE A 66 7.24 -11.24 23.32
CA PHE A 66 7.80 -10.56 22.12
C PHE A 66 7.52 -11.40 20.89
N TYR A 67 6.27 -11.82 20.71
CA TYR A 67 5.91 -12.67 19.55
C TYR A 67 6.31 -11.99 18.25
N ASN A 68 5.97 -10.72 18.09
CA ASN A 68 6.30 -9.96 16.86
C ASN A 68 7.77 -9.55 16.85
N GLY A 69 8.43 -9.54 18.00
CA GLY A 69 9.88 -9.19 18.04
C GLY A 69 10.73 -10.16 17.25
N PHE A 70 10.45 -11.46 17.36
CA PHE A 70 11.19 -12.52 16.64
C PHE A 70 10.58 -12.77 15.26
N LYS A 71 9.43 -12.16 14.97
CA LYS A 71 8.80 -12.24 13.62
C LYS A 71 8.57 -10.80 13.16
N GLU A 72 9.59 -10.21 12.57
CA GLU A 72 9.57 -8.76 12.22
C GLU A 72 8.71 -8.51 10.99
N GLN A 73 8.43 -9.52 10.17
CA GLN A 73 7.55 -9.31 8.98
C GLN A 73 6.18 -8.78 9.42
N ASN A 74 5.67 -9.22 10.55
CA ASN A 74 4.38 -8.74 11.07
C ASN A 74 4.42 -7.25 11.38
N MET A 75 5.60 -6.68 11.55
CA MET A 75 5.75 -5.23 11.83
C MET A 75 5.79 -4.44 10.53
N LEU A 76 5.95 -5.09 9.38
CA LEU A 76 6.13 -4.36 8.10
C LEU A 76 5.02 -3.32 7.95
N THR A 77 3.77 -3.73 8.09
CA THR A 77 2.59 -2.84 7.99
C THR A 77 2.82 -1.56 8.77
N VAL A 78 3.19 -1.75 10.02
CA VAL A 78 3.43 -0.61 10.93
C VAL A 78 4.44 0.33 10.26
N PHE A 79 5.62 -0.18 9.96
CA PHE A 79 6.67 0.67 9.32
C PHE A 79 6.09 1.37 8.10
N ILE A 80 5.41 0.62 7.23
CA ILE A 80 4.79 1.24 6.04
C ILE A 80 4.03 2.48 6.48
N ASN A 81 3.04 2.31 7.34
CA ASN A 81 2.23 3.45 7.80
C ASN A 81 3.14 4.57 8.28
N LEU A 82 4.09 4.26 9.14
CA LEU A 82 5.00 5.30 9.67
C LEU A 82 5.61 6.07 8.50
N TRP A 83 6.24 5.37 7.57
CA TRP A 83 6.85 6.05 6.41
C TRP A 83 5.80 6.91 5.71
N CYS A 84 4.65 6.33 5.41
CA CYS A 84 3.55 7.10 4.78
C CYS A 84 3.29 8.37 5.60
N ALA A 85 3.10 8.20 6.90
CA ALA A 85 2.84 9.36 7.78
C ALA A 85 3.94 10.41 7.55
N LEU A 86 5.19 9.99 7.66
CA LEU A 86 6.31 10.94 7.48
C LEU A 86 6.14 11.66 6.15
N ALA A 87 5.91 10.93 5.07
CA ALA A 87 5.75 11.55 3.74
C ALA A 87 4.68 12.64 3.85
N TYR A 88 3.51 12.30 4.36
CA TYR A 88 2.41 13.29 4.44
C TYR A 88 2.82 14.46 5.33
N PHE A 89 3.53 14.19 6.42
CA PHE A 89 4.03 15.29 7.26
C PHE A 89 4.80 16.28 6.38
N ALA A 90 5.73 15.78 5.57
CA ALA A 90 6.49 16.64 4.65
C ALA A 90 5.50 17.44 3.79
N LYS A 91 4.52 16.76 3.21
CA LYS A 91 3.50 17.45 2.38
C LYS A 91 2.89 18.60 3.18
N VAL A 92 2.52 18.35 4.42
CA VAL A 92 1.90 19.40 5.26
C VAL A 92 2.85 20.60 5.32
N LEU A 93 4.13 20.35 5.56
CA LEU A 93 5.11 21.46 5.59
C LEU A 93 5.14 22.15 4.22
N GLN A 94 5.19 21.37 3.15
CA GLN A 94 5.19 21.96 1.79
C GLN A 94 3.90 22.73 1.56
N SER A 95 2.84 22.37 2.26
CA SER A 95 1.53 23.05 2.13
C SER A 95 1.55 24.43 2.77
N HIS A 96 2.52 24.73 3.64
CA HIS A 96 2.56 26.01 4.39
C HIS A 96 3.77 26.87 4.00
N SER A 97 4.59 26.43 3.06
CA SER A 97 5.78 27.18 2.63
C SER A 97 5.81 27.27 1.10
N ASN A 98 6.32 28.39 0.60
CA ASN A 98 6.48 28.61 -0.86
C ASN A 98 7.64 27.79 -1.41
N ASP A 99 8.52 27.27 -0.56
CA ASP A 99 9.69 26.48 -1.00
C ASP A 99 9.42 24.99 -0.83
N ASN A 100 10.01 24.19 -1.70
CA ASN A 100 9.86 22.73 -1.65
C ASN A 100 10.40 22.20 -0.32
N GLY A 101 9.70 21.25 0.27
CA GLY A 101 10.14 20.60 1.51
C GLY A 101 11.14 19.49 1.24
N PHE A 102 10.93 18.35 1.86
CA PHE A 102 11.78 17.16 1.65
C PHE A 102 11.56 16.67 0.22
N ALA A 103 12.50 16.96 -0.67
CA ALA A 103 12.33 16.69 -2.11
C ALA A 103 11.99 15.22 -2.37
N PRO A 104 12.67 14.22 -1.76
CA PRO A 104 12.37 12.83 -2.08
C PRO A 104 10.90 12.44 -1.83
N LEU A 105 10.27 13.04 -0.83
CA LEU A 105 8.89 12.66 -0.45
C LEU A 105 7.85 13.68 -0.94
N THR A 106 8.28 14.80 -1.50
CA THR A 106 7.33 15.85 -1.94
C THR A 106 7.55 16.25 -3.40
N VAL A 107 8.79 16.33 -3.85
CA VAL A 107 9.10 16.86 -5.21
C VAL A 107 9.02 15.72 -6.22
N ILE A 108 9.88 14.71 -6.07
CA ILE A 108 9.93 13.59 -7.04
C ILE A 108 8.70 12.73 -6.78
N PRO A 109 7.78 12.59 -7.76
CA PRO A 109 6.60 11.75 -7.54
C PRO A 109 6.94 10.26 -7.48
N TYR A 110 6.11 9.52 -6.74
CA TYR A 110 6.12 8.04 -6.66
C TYR A 110 7.33 7.50 -5.89
N VAL A 111 8.18 8.35 -5.34
CA VAL A 111 9.34 7.86 -4.56
C VAL A 111 8.83 7.27 -3.24
N ASP A 112 7.93 7.95 -2.57
CA ASP A 112 7.28 7.39 -1.36
C ASP A 112 6.60 6.07 -1.71
N TYR A 113 5.96 6.01 -2.85
CA TYR A 113 5.36 4.74 -3.34
C TYR A 113 6.44 3.71 -3.60
N CYS A 114 7.55 4.13 -4.21
CA CYS A 114 8.71 3.23 -4.42
C CYS A 114 9.10 2.60 -3.08
N THR A 115 9.08 3.36 -2.01
CA THR A 115 9.51 2.87 -0.68
C THR A 115 8.43 1.97 -0.07
N THR A 116 7.16 2.31 -0.25
CA THR A 116 6.06 1.67 0.50
C THR A 116 5.47 0.46 -0.23
N CYS A 117 5.06 0.61 -1.47
CA CYS A 117 4.27 -0.45 -2.16
C CYS A 117 5.00 -1.79 -2.17
N PRO A 118 6.32 -1.86 -2.46
CA PRO A 118 7.00 -3.15 -2.38
C PRO A 118 6.86 -3.82 -1.02
N LEU A 119 6.91 -3.02 0.06
CA LEU A 119 6.69 -3.58 1.41
C LEU A 119 5.25 -4.09 1.55
N LEU A 120 4.29 -3.38 0.97
CA LEU A 120 2.88 -3.84 1.03
C LEU A 120 2.75 -5.20 0.33
N THR A 121 3.33 -5.33 -0.85
CA THR A 121 3.27 -6.60 -1.60
C THR A 121 3.98 -7.70 -0.81
N LEU A 122 5.14 -7.40 -0.24
CA LEU A 122 5.89 -8.41 0.54
C LEU A 122 5.05 -8.87 1.72
N ASP A 123 4.42 -7.95 2.43
CA ASP A 123 3.56 -8.31 3.58
C ASP A 123 2.39 -9.17 3.09
N LEU A 124 1.74 -8.76 2.00
CA LEU A 124 0.57 -9.52 1.48
C LEU A 124 1.00 -10.96 1.18
N LEU A 125 2.12 -11.14 0.50
CA LEU A 125 2.54 -12.50 0.10
C LEU A 125 3.17 -13.25 1.26
N TRP A 126 3.53 -12.55 2.34
CA TRP A 126 4.09 -13.23 3.53
C TRP A 126 2.97 -13.79 4.41
N CYS A 127 1.97 -12.97 4.71
CA CYS A 127 0.83 -13.44 5.55
C CYS A 127 0.14 -14.62 4.85
N LEU A 128 0.11 -14.62 3.53
CA LEU A 128 -0.52 -15.72 2.76
C LEU A 128 0.46 -16.88 2.56
N ASP A 129 1.72 -16.73 2.97
CA ASP A 129 2.75 -17.78 2.72
C ASP A 129 2.81 -18.07 1.23
N ALA A 130 2.75 -17.02 0.42
CA ALA A 130 2.73 -17.15 -1.04
C ALA A 130 4.16 -17.28 -1.56
N PRO A 131 4.37 -17.97 -2.69
CA PRO A 131 5.69 -17.99 -3.31
C PRO A 131 6.01 -16.68 -4.04
N TYR A 132 7.29 -16.51 -4.32
CA TYR A 132 7.80 -15.34 -5.09
C TYR A 132 7.41 -14.03 -4.41
N LYS A 133 7.44 -14.02 -3.08
CA LYS A 133 7.16 -12.78 -2.32
C LYS A 133 8.24 -11.74 -2.60
N ILE A 134 9.51 -12.13 -2.54
CA ILE A 134 10.62 -11.19 -2.77
C ILE A 134 10.64 -10.82 -4.26
N SER A 135 10.38 -11.79 -5.13
CA SER A 135 10.34 -11.55 -6.59
C SER A 135 9.21 -10.55 -6.90
N SER A 136 8.04 -10.76 -6.29
CA SER A 136 6.88 -9.86 -6.52
C SER A 136 7.21 -8.46 -6.00
N ALA A 137 7.84 -8.36 -4.84
CA ALA A 137 8.21 -7.06 -4.27
C ALA A 137 9.20 -6.35 -5.20
N VAL A 138 10.16 -7.09 -5.73
CA VAL A 138 11.18 -6.49 -6.65
C VAL A 138 10.49 -6.05 -7.94
N LEU A 139 9.54 -6.84 -8.43
CA LEU A 139 8.79 -6.44 -9.65
C LEU A 139 8.01 -5.15 -9.39
N VAL A 140 7.36 -5.06 -8.23
CA VAL A 140 6.59 -3.83 -7.90
C VAL A 140 7.55 -2.65 -7.80
N PHE A 141 8.71 -2.84 -7.17
CA PHE A 141 9.71 -1.77 -7.05
C PHE A 141 10.18 -1.33 -8.43
N THR A 142 10.43 -2.28 -9.33
CA THR A 142 10.90 -1.96 -10.69
C THR A 142 9.81 -1.18 -11.43
N CYS A 143 8.56 -1.60 -11.31
CA CYS A 143 7.43 -0.88 -11.95
C CYS A 143 7.37 0.55 -11.41
N LEU A 144 7.51 0.72 -10.11
CA LEU A 144 7.44 2.07 -9.50
C LEU A 144 8.62 2.92 -9.95
N VAL A 145 9.80 2.34 -10.10
CA VAL A 145 10.98 3.11 -10.58
C VAL A 145 10.75 3.50 -12.03
N ILE A 146 10.16 2.60 -12.82
CA ILE A 146 9.84 2.93 -14.24
C ILE A 146 8.85 4.10 -14.26
N ALA A 147 7.87 4.08 -13.37
CA ALA A 147 6.89 5.17 -13.27
C ALA A 147 7.59 6.47 -12.87
N VAL A 148 8.52 6.39 -11.93
CA VAL A 148 9.28 7.59 -11.49
C VAL A 148 10.02 8.17 -12.69
N ALA A 149 10.66 7.31 -13.48
CA ALA A 149 11.37 7.77 -14.70
C ALA A 149 10.37 8.40 -15.67
N CYS A 150 9.20 7.79 -15.81
CA CYS A 150 8.17 8.30 -16.75
C CYS A 150 7.72 9.70 -16.32
N SER A 151 7.49 9.91 -15.04
CA SER A 151 6.99 11.21 -14.51
C SER A 151 8.04 12.31 -14.65
N LEU A 152 9.33 11.95 -14.70
CA LEU A 152 10.42 12.95 -14.82
C LEU A 152 10.94 13.02 -16.25
N ALA A 153 10.28 12.34 -17.19
CA ALA A 153 10.71 12.32 -18.61
C ALA A 153 10.02 13.44 -19.38
N VAL A 154 10.37 13.56 -20.65
CA VAL A 154 9.77 14.55 -21.58
C VAL A 154 9.19 13.80 -22.76
N ALA A 155 8.01 14.21 -23.18
CA ALA A 155 7.32 13.55 -24.32
C ALA A 155 8.17 13.74 -25.57
N PRO A 156 8.12 12.79 -26.54
CA PRO A 156 7.29 11.59 -26.48
C PRO A 156 7.95 10.40 -25.76
N PHE A 157 9.15 10.61 -25.23
CA PHE A 157 9.86 9.54 -24.49
C PHE A 157 9.06 9.13 -23.26
N SER A 158 8.31 10.06 -22.67
CA SER A 158 7.43 9.74 -21.52
C SER A 158 6.42 8.67 -21.94
N TYR A 159 5.91 8.74 -23.16
CA TYR A 159 4.94 7.73 -23.66
C TYR A 159 5.62 6.36 -23.72
N CYS A 160 6.85 6.31 -24.20
CA CYS A 160 7.58 5.02 -24.30
C CYS A 160 7.81 4.46 -22.89
N TRP A 161 8.24 5.31 -21.97
CA TRP A 161 8.45 4.86 -20.57
C TRP A 161 7.14 4.34 -19.99
N PHE A 162 6.05 5.05 -20.22
CA PHE A 162 4.72 4.64 -19.70
C PHE A 162 4.31 3.30 -20.31
N ALA A 163 4.56 3.10 -21.60
CA ALA A 163 4.19 1.84 -22.27
C ALA A 163 4.99 0.68 -21.67
N MET A 164 6.30 0.88 -21.49
CA MET A 164 7.15 -0.18 -20.90
C MET A 164 6.66 -0.50 -19.48
N GLY A 165 6.41 0.54 -18.68
CA GLY A 165 5.89 0.35 -17.32
C GLY A 165 4.55 -0.38 -17.34
N MET A 166 3.72 -0.07 -18.33
CA MET A 166 2.38 -0.69 -18.43
C MET A 166 2.53 -2.19 -18.72
N VAL A 167 3.43 -2.56 -19.62
CA VAL A 167 3.63 -3.99 -19.94
C VAL A 167 4.16 -4.70 -18.68
N LEU A 168 5.16 -4.10 -18.04
CA LEU A 168 5.76 -4.75 -16.84
C LEU A 168 4.70 -4.89 -15.75
N PHE A 169 3.90 -3.86 -15.53
CA PHE A 169 2.88 -3.88 -14.47
C PHE A 169 1.76 -4.86 -14.83
N THR A 170 1.42 -4.99 -16.11
CA THR A 170 0.41 -5.98 -16.53
C THR A 170 0.91 -7.39 -16.20
N PHE A 171 2.16 -7.68 -16.54
CA PHE A 171 2.75 -9.00 -16.23
C PHE A 171 2.74 -9.23 -14.71
N THR A 172 3.19 -8.24 -13.96
CA THR A 172 3.26 -8.35 -12.48
C THR A 172 1.86 -8.54 -11.90
N TYR A 173 0.90 -7.80 -12.40
CA TYR A 173 -0.50 -7.88 -11.91
C TYR A 173 -1.05 -9.28 -12.17
N VAL A 174 -0.84 -9.81 -13.36
CA VAL A 174 -1.37 -11.16 -13.70
C VAL A 174 -0.69 -12.19 -12.79
N PHE A 175 0.61 -12.10 -12.62
CA PHE A 175 1.36 -13.09 -11.81
C PHE A 175 0.88 -13.04 -10.35
N ILE A 176 0.82 -11.85 -9.79
CA ILE A 176 0.42 -11.69 -8.36
C ILE A 176 -1.04 -12.11 -8.20
N LEU A 177 -1.91 -11.77 -9.13
CA LEU A 177 -3.31 -12.23 -8.99
C LEU A 177 -3.36 -13.76 -8.93
N SER A 178 -2.71 -14.42 -9.88
CA SER A 178 -2.68 -15.90 -9.99
C SER A 178 -2.21 -16.55 -8.68
N ILE A 179 -1.19 -15.98 -8.05
CA ILE A 179 -0.67 -16.47 -6.76
C ILE A 179 -1.72 -16.16 -5.68
N VAL A 180 -2.28 -14.96 -5.69
CA VAL A 180 -3.20 -14.56 -4.60
C VAL A 180 -4.47 -15.42 -4.69
N ARG A 181 -4.94 -15.66 -5.90
CA ARG A 181 -6.19 -16.43 -6.09
C ARG A 181 -5.97 -17.87 -5.63
N GLN A 182 -4.80 -18.43 -5.91
CA GLN A 182 -4.50 -19.85 -5.59
C GLN A 182 -4.34 -19.99 -4.08
N ARG A 183 -3.74 -19.02 -3.40
CA ARG A 183 -3.62 -19.05 -1.92
C ARG A 183 -4.99 -18.82 -1.29
N LEU A 184 -5.80 -17.91 -1.84
CA LEU A 184 -7.16 -17.71 -1.31
C LEU A 184 -7.99 -19.00 -1.41
N ASP A 185 -7.90 -19.68 -2.55
CA ASP A 185 -8.61 -20.97 -2.71
C ASP A 185 -8.08 -21.98 -1.69
N PHE A 186 -6.77 -22.05 -1.52
CA PHE A 186 -6.18 -22.99 -0.55
C PHE A 186 -6.69 -22.67 0.86
N PHE A 187 -6.68 -21.40 1.24
CA PHE A 187 -7.13 -20.99 2.60
C PHE A 187 -8.62 -21.32 2.78
N THR A 188 -9.44 -21.03 1.78
CA THR A 188 -10.89 -21.29 1.86
C THR A 188 -11.17 -22.79 1.92
N LEU A 189 -10.31 -23.62 1.34
CA LEU A 189 -10.56 -25.08 1.35
C LEU A 189 -10.57 -25.63 2.78
N CYS A 190 -9.75 -25.08 3.67
CA CYS A 190 -9.62 -25.58 5.06
C CYS A 190 -9.95 -24.49 6.06
N ALA A 191 -11.05 -23.77 5.84
CA ALA A 191 -11.53 -22.71 6.76
C ALA A 191 -12.98 -23.02 7.13
N ARG A 192 -13.20 -23.57 8.32
CA ARG A 192 -14.55 -24.01 8.75
C ARG A 192 -15.04 -23.23 9.98
N ASP A 193 -14.14 -22.77 10.84
CA ASP A 193 -14.55 -22.04 12.06
C ASP A 193 -15.20 -20.70 11.70
N SER A 194 -16.13 -20.26 12.53
CA SER A 194 -16.78 -18.94 12.37
C SER A 194 -15.72 -17.83 12.38
N ASN A 195 -14.81 -17.88 13.34
CA ASN A 195 -13.70 -16.89 13.40
C ASN A 195 -12.87 -17.00 12.13
N ALA A 196 -12.64 -18.21 11.65
CA ALA A 196 -11.90 -18.42 10.39
C ALA A 196 -12.66 -17.77 9.23
N LYS A 197 -13.99 -17.90 9.22
CA LYS A 197 -14.80 -17.30 8.14
C LYS A 197 -14.70 -15.78 8.20
N GLN A 198 -14.71 -15.23 9.41
CA GLN A 198 -14.67 -13.76 9.60
C GLN A 198 -13.31 -13.26 9.13
N SER A 199 -12.24 -13.97 9.47
CA SER A 199 -10.86 -13.62 9.04
C SER A 199 -10.76 -13.74 7.52
N LEU A 200 -11.39 -14.75 6.94
CA LEU A 200 -11.39 -14.91 5.46
C LEU A 200 -12.11 -13.74 4.79
N LYS A 201 -13.22 -13.29 5.37
CA LYS A 201 -13.95 -12.12 4.82
C LYS A 201 -13.04 -10.89 4.86
N HIS A 202 -12.35 -10.68 5.97
CA HIS A 202 -11.41 -9.54 6.08
C HIS A 202 -10.29 -9.69 5.05
N LEU A 203 -9.78 -10.90 4.87
CA LEU A 203 -8.69 -11.13 3.87
C LEU A 203 -9.20 -10.82 2.46
N LYS A 204 -10.43 -11.22 2.15
CA LYS A 204 -11.00 -10.92 0.81
C LYS A 204 -11.18 -9.41 0.66
N THR A 205 -11.61 -8.72 1.70
CA THR A 205 -11.74 -7.25 1.64
C THR A 205 -10.37 -6.64 1.36
N ALA A 206 -9.33 -7.11 2.07
CA ALA A 206 -7.96 -6.58 1.88
C ALA A 206 -7.49 -6.86 0.45
N VAL A 207 -7.79 -8.05 -0.06
CA VAL A 207 -7.35 -8.43 -1.44
C VAL A 207 -8.05 -7.53 -2.46
N PHE A 208 -9.34 -7.30 -2.27
CA PHE A 208 -10.10 -6.40 -3.19
C PHE A 208 -9.51 -4.99 -3.13
N ILE A 209 -9.19 -4.52 -1.93
CA ILE A 209 -8.57 -3.17 -1.79
C ILE A 209 -7.24 -3.16 -2.53
N TYR A 210 -6.44 -4.20 -2.36
CA TYR A 210 -5.10 -4.25 -2.99
C TYR A 210 -5.21 -4.25 -4.51
N PHE A 211 -6.15 -5.00 -5.07
CA PHE A 211 -6.24 -5.19 -6.54
C PHE A 211 -7.03 -4.08 -7.22
N GLY A 212 -8.27 -3.84 -6.80
CA GLY A 212 -9.13 -2.83 -7.45
C GLY A 212 -8.55 -1.44 -7.33
N ILE A 213 -8.10 -1.06 -6.14
CA ILE A 213 -7.62 0.32 -5.89
C ILE A 213 -6.35 0.56 -6.68
N TRP A 214 -5.45 -0.41 -6.71
CA TRP A 214 -4.16 -0.24 -7.44
C TRP A 214 -4.40 0.06 -8.91
N LEU A 215 -5.47 -0.47 -9.50
CA LEU A 215 -5.78 -0.19 -10.92
C LEU A 215 -6.17 1.28 -11.11
N LEU A 216 -6.58 1.97 -10.05
CA LEU A 216 -6.99 3.39 -10.19
C LEU A 216 -5.77 4.29 -10.39
N PHE A 217 -4.65 3.98 -9.77
CA PHE A 217 -3.44 4.85 -9.87
C PHE A 217 -3.03 5.04 -11.33
N PRO A 218 -2.88 3.97 -12.15
CA PRO A 218 -2.61 4.18 -13.57
C PRO A 218 -3.70 5.00 -14.27
N LEU A 219 -4.96 4.79 -13.90
CA LEU A 219 -6.07 5.58 -14.48
C LEU A 219 -5.90 7.05 -14.07
N LEU A 220 -5.53 7.31 -12.83
CA LEU A 220 -5.31 8.71 -12.37
C LEU A 220 -4.16 9.34 -13.15
N TRP A 221 -3.07 8.62 -13.34
CA TRP A 221 -1.92 9.16 -14.10
C TRP A 221 -2.35 9.46 -15.54
N LEU A 222 -3.05 8.52 -16.18
CA LEU A 222 -3.48 8.70 -17.59
C LEU A 222 -4.52 9.82 -17.69
N LEU A 223 -5.17 10.19 -16.59
CA LEU A 223 -6.23 11.22 -16.60
C LEU A 223 -5.71 12.55 -16.08
N SER A 224 -4.48 12.61 -15.59
CA SER A 224 -3.93 13.83 -14.96
C SER A 224 -3.51 14.82 -16.06
N TYR A 225 -2.81 15.88 -15.67
CA TYR A 225 -2.32 16.89 -16.65
C TYR A 225 -1.48 16.21 -17.72
N ARG A 226 -0.73 15.18 -17.35
CA ARG A 226 -0.04 14.33 -18.33
C ARG A 226 -1.07 13.54 -19.14
N ALA A 227 -0.79 13.31 -20.41
CA ALA A 227 -1.69 12.62 -21.35
C ALA A 227 -3.00 13.42 -21.42
N ALA A 228 -4.15 12.82 -21.12
CA ALA A 228 -5.45 13.53 -21.21
C ALA A 228 -5.59 14.45 -20.00
N ASN A 229 -5.54 15.75 -20.21
CA ASN A 229 -5.67 16.76 -19.13
C ASN A 229 -7.15 17.10 -18.97
N VAL A 230 -7.82 16.42 -18.06
CA VAL A 230 -9.25 16.68 -17.73
C VAL A 230 -9.40 16.98 -16.25
N ILE A 231 -8.80 16.15 -15.40
CA ILE A 231 -8.89 16.36 -13.93
C ILE A 231 -7.80 17.35 -13.53
N SER A 232 -8.17 18.35 -12.74
CA SER A 232 -7.20 19.36 -12.26
C SER A 232 -6.26 18.73 -11.23
N ASN A 233 -5.18 19.43 -10.92
CA ASN A 233 -4.15 18.94 -9.99
C ASN A 233 -4.75 18.71 -8.60
N ASP A 234 -5.60 19.61 -8.13
CA ASP A 234 -6.13 19.53 -6.75
C ASP A 234 -6.97 18.25 -6.60
N ILE A 235 -7.79 17.93 -7.58
CA ILE A 235 -8.69 16.75 -7.48
C ILE A 235 -7.82 15.50 -7.54
N ASN A 236 -6.79 15.50 -8.39
CA ASN A 236 -5.86 14.36 -8.47
C ASN A 236 -5.19 14.14 -7.11
N HIS A 237 -4.73 15.22 -6.50
CA HIS A 237 -4.05 15.13 -5.19
C HIS A 237 -5.02 14.59 -4.13
N ILE A 238 -6.25 15.08 -4.12
CA ILE A 238 -7.25 14.64 -3.11
C ILE A 238 -7.54 13.15 -3.33
N PHE A 239 -7.72 12.73 -4.57
CA PHE A 239 -7.99 11.31 -4.89
C PHE A 239 -6.81 10.45 -4.45
N HIS A 240 -5.59 10.93 -4.70
CA HIS A 240 -4.38 10.20 -4.29
C HIS A 240 -4.37 10.05 -2.76
N CYS A 241 -4.68 11.12 -2.06
CA CYS A 241 -4.70 11.09 -0.58
C CYS A 241 -5.74 10.07 -0.09
N ILE A 242 -6.93 10.09 -0.68
CA ILE A 242 -8.01 9.18 -0.24
C ILE A 242 -7.59 7.74 -0.53
N LEU A 243 -7.04 7.49 -1.71
CA LEU A 243 -6.64 6.11 -2.08
C LEU A 243 -5.54 5.62 -1.14
N ASP A 244 -4.56 6.48 -0.85
CA ASP A 244 -3.49 6.11 0.10
C ASP A 244 -4.07 5.77 1.46
N VAL A 245 -4.92 6.66 1.97
CA VAL A 245 -5.49 6.46 3.32
C VAL A 245 -6.22 5.12 3.36
N ILE A 246 -7.11 4.89 2.39
CA ILE A 246 -7.90 3.64 2.38
C ILE A 246 -6.93 2.46 2.29
N ALA A 247 -6.21 2.37 1.18
CA ALA A 247 -5.42 1.17 0.81
C ALA A 247 -4.23 0.97 1.74
N LYS A 248 -4.00 1.88 2.70
CA LYS A 248 -2.96 1.65 3.72
C LYS A 248 -3.60 1.39 5.09
N SER A 249 -4.38 2.33 5.61
CA SER A 249 -4.97 2.17 6.96
C SER A 249 -5.92 0.95 6.98
N VAL A 250 -6.93 0.97 6.13
CA VAL A 250 -7.97 -0.10 6.18
C VAL A 250 -7.33 -1.41 5.75
N TYR A 251 -6.43 -1.35 4.77
CA TYR A 251 -5.76 -2.56 4.26
C TYR A 251 -4.95 -3.21 5.38
N GLY A 252 -4.14 -2.43 6.09
CA GLY A 252 -3.32 -2.96 7.18
C GLY A 252 -4.17 -3.47 8.33
N PHE A 253 -5.25 -2.76 8.65
CA PHE A 253 -6.15 -3.22 9.73
C PHE A 253 -6.76 -4.57 9.36
N ALA A 254 -7.23 -4.71 8.14
CA ALA A 254 -7.83 -5.99 7.68
C ALA A 254 -6.78 -7.10 7.69
N LEU A 255 -5.64 -6.84 7.09
CA LEU A 255 -4.55 -7.84 7.13
C LEU A 255 -4.35 -8.27 8.58
N LEU A 256 -4.31 -7.32 9.51
CA LEU A 256 -4.03 -7.61 10.93
C LEU A 256 -5.18 -8.40 11.55
N TYR A 257 -6.42 -8.04 11.24
CA TYR A 257 -7.57 -8.84 11.75
C TYR A 257 -7.37 -10.28 11.28
N PHE A 258 -6.93 -10.45 10.04
CA PHE A 258 -6.81 -11.79 9.45
C PHE A 258 -5.67 -12.57 10.11
N LYS A 259 -4.53 -11.93 10.30
CA LYS A 259 -3.34 -12.62 10.86
C LYS A 259 -3.61 -13.08 12.29
N MET A 260 -4.20 -12.22 13.11
CA MET A 260 -4.44 -12.59 14.53
C MET A 260 -5.58 -13.61 14.65
N TYR A 261 -6.68 -13.39 13.95
CA TYR A 261 -7.92 -14.16 14.20
C TYR A 261 -8.12 -15.24 13.14
N PHE A 262 -7.05 -15.86 12.66
CA PHE A 262 -7.18 -17.00 11.71
C PHE A 262 -6.22 -18.12 12.09
N ASP A 263 -6.72 -19.19 12.69
CA ASP A 263 -5.84 -20.31 13.14
C ASP A 263 -5.17 -20.93 11.91
N LYS A 264 -3.85 -20.85 11.83
CA LYS A 264 -3.08 -21.49 10.73
C LYS A 264 -3.06 -23.00 10.89
N LYS A 265 -3.09 -23.49 12.13
CA LYS A 265 -2.94 -24.96 12.39
C LYS A 265 -4.06 -25.75 11.71
N LEU A 266 -5.08 -25.07 11.17
CA LEU A 266 -6.18 -25.76 10.46
C LEU A 266 -5.74 -26.27 9.09
N ILE A 267 -4.57 -25.89 8.62
CA ILE A 267 -4.03 -26.35 7.31
C ILE A 267 -4.23 -27.87 7.18
C1 RET B . 1.64 4.41 -11.92
C2 RET B . 1.85 5.03 -13.31
C3 RET B . 2.54 4.13 -14.25
C4 RET B . 1.72 2.87 -14.39
C5 RET B . 1.46 2.20 -13.07
C6 RET B . 1.42 2.89 -11.91
C7 RET B . 1.18 2.19 -10.65
C8 RET B . 1.10 2.68 -9.38
C9 RET B . 0.86 1.99 -8.19
C10 RET B . 0.82 2.70 -6.96
C11 RET B . 0.61 2.26 -5.67
C12 RET B . 0.57 3.03 -4.53
C13 RET B . 0.37 2.64 -3.18
C14 RET B . 0.37 3.57 -2.14
C15 RET B . 0.20 3.29 -0.80
C16 RET B . 2.87 4.76 -11.06
C17 RET B . 0.41 5.14 -11.33
C18 RET B . 1.27 0.72 -13.22
C19 RET B . 0.65 0.51 -8.15
C20 RET B . 0.13 1.19 -2.95
O12 PC1 C . 13.22 -18.01 3.23
P PC1 C . 12.12 -17.57 4.16
O14 PC1 C . 10.71 -18.04 3.93
O13 PC1 C . 12.51 -18.00 5.66
O11 PC1 C . 12.13 -15.96 4.23
C1 PC1 C . 12.52 -15.21 3.05
C2 PC1 C . 14.03 -15.11 3.04
O21 PC1 C . 14.44 -13.74 3.25
C21 PC1 C . 14.14 -13.14 4.40
O22 PC1 C . 13.69 -13.71 5.36
C22 PC1 C . 14.50 -11.70 4.33
C23 PC1 C . 14.60 -11.12 2.95
C24 PC1 C . 14.03 -9.72 2.86
C25 PC1 C . 14.41 -8.98 1.58
C26 PC1 C . 13.44 -7.90 1.20
C27 PC1 C . 13.64 -7.32 -0.19
C28 PC1 C . 12.53 -6.41 -0.65
C29 PC1 C . 12.58 -6.04 -2.13
C2A PC1 C . 11.96 -4.69 -2.48
C2B PC1 C . 12.73 -3.88 -3.51
C2C PC1 C . 14.03 -3.31 -2.99
C2D PC1 C . 14.86 -2.61 -4.03
C2E PC1 C . 16.28 -2.28 -3.60
C3 PC1 C . 14.67 -15.57 1.76
O31 PC1 C . 15.40 -14.44 1.22
C31 PC1 C . 16.03 -14.63 0.06
O32 PC1 C . 16.04 -15.67 -0.54
C32 PC1 C . 16.72 -13.36 -0.37
C33 PC1 C . 17.16 -13.35 -1.82
C34 PC1 C . 18.15 -12.23 -2.12
C35 PC1 C . 17.55 -10.85 -2.09
C36 PC1 C . 18.56 -9.74 -2.34
C37 PC1 C . 17.94 -8.44 -2.81
C38 PC1 C . 17.51 -8.44 -4.27
C39 PC1 C . 17.11 -7.09 -4.80
O12 PC1 D . 19.88 15.33 -13.15
P PC1 D . 18.43 15.05 -12.94
O14 PC1 D . 17.44 16.19 -12.96
O13 PC1 D . 17.97 14.01 -14.08
O11 PC1 D . 18.20 14.19 -11.60
C1 PC1 D . 19.26 13.33 -11.12
C2 PC1 D . 18.92 12.84 -9.73
O21 PC1 D . 19.55 11.54 -9.52
C21 PC1 D . 20.46 11.41 -8.54
O22 PC1 D . 20.84 12.33 -7.87
C22 PC1 D . 20.93 9.98 -8.43
C23 PC1 D . 19.90 9.07 -7.82
C24 PC1 D . 20.42 7.72 -7.35
C25 PC1 D . 19.35 6.96 -6.58
C26 PC1 D . 19.64 5.58 -6.04
C27 PC1 D . 20.30 4.63 -6.99
C28 PC1 D . 19.41 4.07 -8.06
C29 PC1 D . 18.31 3.16 -7.56
C2A PC1 D . 17.31 2.72 -8.61
C2B PC1 D . 17.90 2.36 -9.96
C2C PC1 D . 17.09 1.38 -10.78
C2D PC1 D . 17.16 -0.05 -10.29
C2E PC1 D . 16.55 -1.06 -11.23
C3 PC1 D . 17.44 12.64 -9.48
O31 PC1 D . 17.17 11.25 -9.76
C31 PC1 D . 16.15 10.70 -9.11
O32 PC1 D . 15.23 11.33 -8.65
C32 PC1 D . 16.28 9.20 -9.04
C33 PC1 D . 15.22 8.53 -8.20
C34 PC1 D . 15.50 7.06 -7.97
C35 PC1 D . 14.59 6.41 -6.95
C36 PC1 D . 15.01 5.02 -6.54
C37 PC1 D . 14.13 4.39 -5.49
C38 PC1 D . 14.34 4.92 -4.09
C39 PC1 D . 13.41 4.33 -3.05
#